data_1RFB
#
_entry.id   1RFB
#
_cell.length_a   42.800
_cell.length_b   79.900
_cell.length_c   85.400
_cell.angle_alpha   90.00
_cell.angle_beta   90.00
_cell.angle_gamma   90.00
#
_symmetry.space_group_name_H-M   'P 21 21 21'
#
loop_
_entity.id
_entity.type
_entity.pdbx_description
1 polymer INTERFERON-GAMMA
2 water water
#
_entity_poly.entity_id   1
_entity_poly.type   'polypeptide(L)'
_entity_poly.pdbx_seq_one_letter_code
;QGQFFREIENLKEYFNASSPDVAKGGPLFSEILKNWKDESDKKIIQSQIVSFYFKLFENLKDNQVIQRSMDIIKQDMFQK
FLNGSSEKLEDFKKLIQIPVDDLQIQRKAINELIKVMND
;
_entity_poly.pdbx_strand_id   A,B
#
# COMPACT_ATOMS: atom_id res chain seq x y z
N GLN A 1 27.59 6.75 -3.77
CA GLN A 1 27.86 6.63 -2.34
C GLN A 1 26.81 5.70 -1.73
N GLY A 2 27.30 4.85 -0.85
CA GLY A 2 26.45 3.85 -0.15
C GLY A 2 26.56 4.18 1.34
N GLN A 3 26.32 5.40 1.62
CA GLN A 3 26.31 6.46 2.53
C GLN A 3 26.09 6.42 4.01
N PHE A 4 24.86 6.32 4.46
CA PHE A 4 24.50 6.32 5.89
C PHE A 4 24.89 4.99 6.54
N PHE A 5 25.78 4.36 5.84
CA PHE A 5 26.36 3.05 6.08
C PHE A 5 26.42 2.60 7.53
N ARG A 6 27.58 2.69 8.09
CA ARG A 6 28.02 2.18 9.37
C ARG A 6 27.41 2.49 10.71
N GLU A 7 26.65 3.51 11.03
CA GLU A 7 26.10 3.68 12.38
C GLU A 7 24.63 3.28 12.51
N ILE A 8 23.80 3.54 11.50
CA ILE A 8 22.37 3.22 11.62
C ILE A 8 22.05 1.77 11.27
N GLU A 9 22.59 1.29 10.17
CA GLU A 9 22.35 -0.10 9.74
C GLU A 9 22.90 -0.99 10.86
N ASN A 10 23.89 -0.35 11.43
CA ASN A 10 24.72 -0.85 12.54
C ASN A 10 23.82 -1.46 13.59
N LEU A 11 22.77 -0.74 13.94
CA LEU A 11 21.81 -1.15 14.98
C LEU A 11 20.74 -2.12 14.47
N LYS A 12 20.81 -2.48 13.18
CA LYS A 12 19.80 -3.42 12.66
C LYS A 12 19.83 -4.61 13.63
N GLU A 13 20.96 -4.76 14.32
CA GLU A 13 21.15 -5.83 15.31
C GLU A 13 20.29 -5.49 16.53
N TYR A 14 19.89 -4.20 16.59
CA TYR A 14 19.01 -3.75 17.68
C TYR A 14 17.59 -4.30 17.51
N PHE A 15 17.16 -4.49 16.27
CA PHE A 15 15.82 -5.09 16.00
C PHE A 15 15.98 -6.63 15.88
N ASN A 16 17.15 -7.11 15.49
CA ASN A 16 17.38 -8.56 15.40
C ASN A 16 17.36 -9.11 16.84
N ALA A 17 17.75 -8.35 17.86
CA ALA A 17 17.69 -8.79 19.26
C ALA A 17 18.53 -9.94 19.80
N SER A 18 18.82 -9.86 21.09
CA SER A 18 19.57 -10.69 21.98
C SER A 18 20.38 -11.84 21.39
N SER A 19 21.25 -11.58 20.47
CA SER A 19 22.19 -12.57 19.91
C SER A 19 22.05 -12.87 18.43
N PRO A 20 21.93 -14.13 18.02
CA PRO A 20 22.03 -14.48 16.62
C PRO A 20 21.36 -15.41 15.66
N ASP A 21 20.11 -15.74 15.77
CA ASP A 21 19.64 -16.70 14.76
C ASP A 21 19.79 -15.95 13.44
N VAL A 22 20.00 -16.74 12.42
CA VAL A 22 19.93 -16.22 11.04
C VAL A 22 18.38 -16.10 11.17
N ALA A 23 17.68 -15.07 10.84
CA ALA A 23 16.18 -15.23 11.10
C ALA A 23 15.87 -16.61 10.55
N LYS A 24 16.20 -17.67 11.28
CA LYS A 24 16.10 -19.05 10.83
C LYS A 24 14.78 -19.77 11.01
N GLY A 25 13.81 -19.12 11.61
CA GLY A 25 12.49 -19.80 11.75
C GLY A 25 11.70 -19.34 10.50
N GLY A 26 11.93 -20.01 9.38
CA GLY A 26 11.24 -19.70 8.14
C GLY A 26 12.07 -18.86 7.16
N PRO A 27 12.14 -19.38 5.96
CA PRO A 27 12.83 -18.82 4.79
C PRO A 27 12.11 -17.71 4.04
N LEU A 28 11.26 -16.98 4.71
CA LEU A 28 10.30 -15.97 4.38
C LEU A 28 10.42 -14.83 3.38
N PHE A 29 10.83 -13.65 3.80
CA PHE A 29 10.90 -12.48 2.88
C PHE A 29 12.11 -12.66 1.95
N SER A 30 12.86 -13.70 2.25
CA SER A 30 14.02 -14.13 1.43
C SER A 30 13.32 -14.76 0.20
N GLU A 31 12.28 -15.50 0.58
CA GLU A 31 11.43 -16.15 -0.39
C GLU A 31 10.60 -15.05 -1.07
N ILE A 32 10.14 -14.06 -0.30
CA ILE A 32 9.30 -13.02 -0.89
C ILE A 32 9.97 -12.22 -2.01
N LEU A 33 10.84 -11.37 -1.59
CA LEU A 33 11.63 -10.44 -2.37
C LEU A 33 12.60 -11.17 -3.30
N LYS A 34 12.23 -12.36 -3.73
CA LYS A 34 13.16 -13.14 -4.57
C LYS A 34 13.62 -12.43 -5.84
N ASN A 35 12.88 -12.62 -6.91
CA ASN A 35 13.22 -12.07 -8.22
C ASN A 35 12.64 -10.74 -8.63
N TRP A 36 11.94 -10.06 -7.78
CA TRP A 36 11.18 -8.87 -7.91
C TRP A 36 11.31 -7.77 -8.93
N LYS A 37 12.33 -6.97 -9.08
CA LYS A 37 12.27 -5.92 -10.14
C LYS A 37 12.37 -6.50 -11.54
N ASP A 38 12.52 -7.81 -11.64
CA ASP A 38 12.65 -8.60 -12.85
C ASP A 38 12.53 -7.86 -14.19
N GLU A 39 11.42 -7.21 -14.49
CA GLU A 39 11.29 -6.56 -15.80
C GLU A 39 10.35 -5.40 -15.95
N SER A 40 10.91 -4.26 -16.19
CA SER A 40 10.45 -2.90 -16.39
C SER A 40 8.97 -2.56 -16.52
N ASP A 41 8.13 -3.18 -15.76
CA ASP A 41 6.68 -3.00 -15.65
C ASP A 41 6.37 -3.24 -14.15
N LYS A 42 7.30 -2.73 -13.39
CA LYS A 42 7.50 -2.79 -11.98
C LYS A 42 6.50 -2.15 -11.02
N LYS A 43 6.81 -0.93 -10.74
CA LYS A 43 6.37 0.03 -9.78
C LYS A 43 5.77 -0.58 -8.53
N ILE A 44 4.58 -1.09 -8.54
CA ILE A 44 3.83 -1.61 -7.42
C ILE A 44 4.55 -1.96 -6.12
N ILE A 45 4.94 -3.21 -6.05
CA ILE A 45 5.51 -3.84 -4.88
C ILE A 45 6.50 -2.98 -4.12
N GLN A 46 7.54 -2.55 -4.76
CA GLN A 46 8.61 -1.76 -4.10
C GLN A 46 8.05 -0.74 -3.13
N SER A 47 6.99 -0.09 -3.56
CA SER A 47 6.26 0.95 -2.85
C SER A 47 5.59 0.41 -1.60
N GLN A 48 4.99 -0.76 -1.65
CA GLN A 48 4.27 -1.41 -0.54
C GLN A 48 5.09 -2.20 0.48
N ILE A 49 6.14 -2.85 0.07
CA ILE A 49 7.03 -3.62 1.00
C ILE A 49 7.44 -2.64 2.11
N VAL A 50 7.60 -1.43 1.66
CA VAL A 50 7.94 -0.12 2.14
C VAL A 50 6.85 0.63 2.93
N SER A 51 5.67 0.02 2.85
CA SER A 51 4.43 0.44 3.52
C SER A 51 4.39 -0.24 4.91
N PHE A 52 4.82 -1.51 4.89
CA PHE A 52 4.86 -2.21 6.19
C PHE A 52 6.15 -1.78 6.91
N TYR A 53 7.18 -1.42 6.17
CA TYR A 53 8.43 -0.94 6.78
C TYR A 53 8.13 0.36 7.59
N PHE A 54 7.25 1.14 7.02
CA PHE A 54 6.63 2.37 7.44
C PHE A 54 5.74 2.24 8.67
N LYS A 55 5.15 1.08 8.86
CA LYS A 55 4.29 0.76 10.01
C LYS A 55 5.17 -0.06 10.97
N LEU A 56 6.40 -0.25 10.49
CA LEU A 56 7.46 -1.02 11.15
C LEU A 56 8.12 -0.17 12.24
N PHE A 57 8.53 0.99 11.79
CA PHE A 57 9.19 1.94 12.73
C PHE A 57 8.12 2.71 13.51
N GLU A 58 6.95 2.85 12.90
CA GLU A 58 5.86 3.58 13.57
C GLU A 58 5.48 2.77 14.80
N ASN A 59 5.42 1.46 14.69
CA ASN A 59 5.07 0.50 15.74
C ASN A 59 6.11 0.29 16.85
N LEU A 60 7.37 0.42 16.56
CA LEU A 60 8.50 0.23 17.45
C LEU A 60 9.06 1.33 18.33
N LYS A 61 8.28 2.19 18.89
CA LYS A 61 8.51 3.32 19.76
C LYS A 61 9.58 3.36 20.84
N ASP A 62 10.20 2.30 21.24
CA ASP A 62 11.21 2.11 22.27
C ASP A 62 12.22 3.23 22.49
N ASN A 63 11.72 4.37 22.82
CA ASN A 63 12.16 5.74 23.03
C ASN A 63 13.64 6.07 23.13
N GLN A 64 14.46 5.27 23.74
CA GLN A 64 15.89 5.46 23.88
C GLN A 64 16.66 4.47 22.97
N VAL A 65 16.11 3.28 23.04
CA VAL A 65 16.58 2.03 22.46
C VAL A 65 16.93 2.16 21.00
N ILE A 66 16.07 2.33 20.04
CA ILE A 66 16.54 2.55 18.66
C ILE A 66 15.80 3.82 18.16
N GLN A 67 14.57 3.86 18.58
CA GLN A 67 13.57 4.82 18.17
C GLN A 67 14.15 5.96 17.33
N ARG A 68 15.10 6.75 17.75
CA ARG A 68 15.58 7.88 16.93
C ARG A 68 16.08 7.50 15.55
N SER A 69 16.61 6.31 15.41
CA SER A 69 17.16 5.80 14.14
C SER A 69 16.23 5.01 13.23
N MET A 70 15.09 4.58 13.73
CA MET A 70 14.05 3.88 12.98
C MET A 70 13.46 5.08 12.19
N ASP A 71 13.44 6.15 12.97
CA ASP A 71 12.98 7.45 12.50
C ASP A 71 14.05 7.93 11.49
N ILE A 72 15.30 7.64 11.84
CA ILE A 72 16.30 8.09 10.84
C ILE A 72 16.23 7.15 9.65
N ILE A 73 16.07 5.83 9.71
CA ILE A 73 16.03 5.11 8.41
C ILE A 73 14.66 5.34 7.74
N LYS A 74 13.58 5.29 8.49
CA LYS A 74 12.26 5.49 7.87
C LYS A 74 12.24 6.83 7.15
N GLN A 75 12.97 7.81 7.63
CA GLN A 75 13.02 9.16 7.04
C GLN A 75 13.54 9.12 5.60
N ASP A 76 14.59 8.36 5.38
CA ASP A 76 15.22 8.27 4.05
C ASP A 76 14.45 7.40 3.07
N MET A 77 13.38 6.78 3.54
CA MET A 77 12.49 5.93 2.72
C MET A 77 11.85 6.87 1.67
N PHE A 78 11.86 8.12 2.09
CA PHE A 78 11.37 9.25 1.33
C PHE A 78 11.83 9.05 -0.14
N GLN A 79 13.15 9.15 -0.22
CA GLN A 79 13.93 9.04 -1.44
C GLN A 79 13.74 7.64 -2.00
N LYS A 80 13.16 6.75 -1.20
CA LYS A 80 12.96 5.37 -1.70
C LYS A 80 11.64 5.30 -2.47
N PHE A 81 10.69 6.03 -1.93
CA PHE A 81 9.34 6.18 -2.50
C PHE A 81 9.48 7.14 -3.71
N LEU A 82 9.45 8.42 -3.37
CA LEU A 82 9.63 9.47 -4.38
C LEU A 82 10.58 10.57 -3.94
N ASN A 83 10.13 11.41 -3.06
CA ASN A 83 10.51 12.64 -2.50
C ASN A 83 11.21 13.62 -3.50
N GLY A 84 10.34 14.06 -4.37
CA GLY A 84 10.66 15.07 -5.38
C GLY A 84 10.04 16.39 -4.87
N SER A 85 8.84 16.24 -4.33
CA SER A 85 8.06 17.37 -3.79
C SER A 85 7.56 17.02 -2.39
N SER A 86 7.19 18.08 -1.66
CA SER A 86 6.73 18.09 -0.26
C SER A 86 5.48 17.32 0.13
N GLU A 87 4.53 17.28 -0.77
CA GLU A 87 3.23 16.63 -0.63
C GLU A 87 3.26 15.13 -0.54
N LYS A 88 4.43 14.56 -0.69
CA LYS A 88 4.66 13.11 -0.60
C LYS A 88 4.26 12.67 0.82
N LEU A 89 4.44 13.63 1.68
CA LEU A 89 4.22 13.71 3.12
C LEU A 89 2.82 13.36 3.61
N GLU A 90 1.88 14.15 3.13
CA GLU A 90 0.47 14.22 3.35
C GLU A 90 -0.27 12.90 3.49
N ASP A 91 -0.25 12.24 2.37
CA ASP A 91 -0.88 11.00 1.99
C ASP A 91 -0.60 9.71 2.75
N PHE A 92 0.63 9.50 3.14
CA PHE A 92 1.05 8.31 3.89
C PHE A 92 0.40 8.21 5.28
N LYS A 93 0.41 9.29 6.03
CA LYS A 93 -0.15 9.37 7.40
C LYS A 93 -1.65 9.10 7.28
N LYS A 94 -2.07 9.31 6.04
CA LYS A 94 -3.43 9.10 5.51
C LYS A 94 -3.49 7.58 5.26
N LEU A 95 -2.42 7.19 4.58
CA LEU A 95 -2.08 5.82 4.16
C LEU A 95 -1.68 4.99 5.39
N ILE A 96 -2.29 5.34 6.51
CA ILE A 96 -2.00 4.65 7.78
C ILE A 96 -2.73 3.33 7.88
N GLN A 97 -3.87 3.27 8.52
CA GLN A 97 -4.69 2.08 8.77
C GLN A 97 -5.99 2.46 9.52
N ILE A 98 -6.84 1.51 9.78
CA ILE A 98 -8.12 1.60 10.49
C ILE A 98 -9.07 2.54 9.74
N PRO A 99 -9.99 1.89 9.03
CA PRO A 99 -10.99 2.51 8.18
C PRO A 99 -12.07 3.37 8.77
N VAL A 100 -12.52 3.16 9.97
CA VAL A 100 -13.59 3.92 10.65
C VAL A 100 -14.74 4.24 9.70
N ASP A 101 -15.91 4.51 10.27
CA ASP A 101 -17.15 4.81 9.52
C ASP A 101 -16.82 5.99 8.59
N ASP A 102 -16.43 7.01 9.30
CA ASP A 102 -15.99 8.32 8.87
C ASP A 102 -14.83 8.24 7.91
N LEU A 103 -14.64 7.07 7.33
CA LEU A 103 -13.51 6.84 6.38
C LEU A 103 -13.59 5.44 5.74
N GLN A 104 -14.77 5.17 5.30
CA GLN A 104 -15.42 4.08 4.58
C GLN A 104 -16.66 4.81 3.98
N ILE A 105 -16.30 5.76 3.17
CA ILE A 105 -17.06 6.73 2.44
C ILE A 105 -17.39 6.37 1.01
N GLN A 106 -16.75 5.38 0.49
CA GLN A 106 -16.66 4.70 -0.78
C GLN A 106 -17.31 5.32 -2.01
N ARG A 107 -18.16 6.31 -1.86
CA ARG A 107 -18.88 6.97 -2.96
C ARG A 107 -17.99 7.14 -4.19
N LYS A 108 -16.82 7.71 -4.02
CA LYS A 108 -15.87 7.98 -5.12
C LYS A 108 -15.26 6.68 -5.63
N ALA A 109 -16.03 5.63 -5.52
CA ALA A 109 -15.86 4.25 -5.87
C ALA A 109 -15.37 3.85 -7.25
N ILE A 110 -15.86 4.58 -8.23
CA ILE A 110 -15.61 4.46 -9.64
C ILE A 110 -14.21 4.90 -10.06
N ASN A 111 -13.75 5.93 -9.39
CA ASN A 111 -12.55 6.71 -9.49
C ASN A 111 -11.40 6.27 -10.39
N GLU A 112 -11.12 5.01 -10.35
CA GLU A 112 -10.06 4.26 -10.98
C GLU A 112 -9.77 4.36 -12.45
N LEU A 113 -10.67 4.84 -13.28
CA LEU A 113 -10.49 4.94 -14.72
C LEU A 113 -9.15 5.58 -15.15
N ILE A 114 -9.04 6.75 -14.62
CA ILE A 114 -8.00 7.76 -14.81
C ILE A 114 -6.62 7.24 -15.12
N LYS A 115 -6.18 6.12 -14.60
CA LYS A 115 -4.86 5.53 -14.81
C LYS A 115 -4.43 4.83 -16.08
N VAL A 116 -5.03 3.71 -16.41
CA VAL A 116 -4.63 2.90 -17.59
C VAL A 116 -5.15 3.50 -18.89
N MET A 117 -6.05 4.41 -18.67
CA MET A 117 -6.71 5.23 -19.75
C MET A 117 -5.62 6.29 -19.84
N ASN A 118 -5.33 6.92 -20.94
CA ASN A 118 -4.20 7.87 -21.00
C ASN A 118 -3.24 7.11 -21.96
N ASP A 119 -3.69 7.13 -23.16
CA ASP A 119 -3.34 6.61 -24.45
C ASP A 119 -1.94 6.80 -24.99
N GLN B 1 -12.82 3.63 -24.73
CA GLN B 1 -12.66 2.18 -24.55
C GLN B 1 -12.73 1.82 -23.07
N GLY B 2 -13.76 1.08 -22.71
CA GLY B 2 -13.92 0.68 -21.30
C GLY B 2 -15.36 1.07 -20.92
N GLN B 3 -16.25 0.26 -21.48
CA GLN B 3 -17.69 0.46 -21.29
C GLN B 3 -18.24 -0.47 -20.22
N PHE B 4 -17.87 -1.70 -20.30
CA PHE B 4 -18.26 -2.85 -19.50
C PHE B 4 -19.06 -2.58 -18.23
N PHE B 5 -19.08 -1.37 -17.77
CA PHE B 5 -19.71 -0.80 -16.59
C PHE B 5 -21.23 -0.87 -16.48
N ARG B 6 -22.01 -0.89 -17.51
CA ARG B 6 -23.47 -0.92 -17.51
C ARG B 6 -24.23 -1.64 -16.39
N GLU B 7 -23.79 -2.85 -16.08
CA GLU B 7 -24.41 -3.68 -15.05
C GLU B 7 -23.55 -3.72 -13.80
N ILE B 8 -22.29 -3.35 -13.98
CA ILE B 8 -21.30 -3.37 -12.87
C ILE B 8 -21.16 -2.03 -12.17
N GLU B 9 -20.93 -0.94 -12.85
CA GLU B 9 -20.86 0.35 -12.12
C GLU B 9 -22.24 0.67 -11.55
N ASN B 10 -23.28 0.13 -12.15
CA ASN B 10 -24.68 0.35 -11.77
C ASN B 10 -24.93 -0.14 -10.33
N LEU B 11 -24.04 -1.02 -9.93
CA LEU B 11 -24.12 -1.63 -8.59
C LEU B 11 -23.77 -0.65 -7.49
N LYS B 12 -22.89 0.28 -7.78
CA LYS B 12 -22.49 1.28 -6.75
C LYS B 12 -23.77 1.80 -6.08
N GLU B 13 -24.84 1.91 -6.82
CA GLU B 13 -26.17 2.37 -6.41
C GLU B 13 -26.82 1.45 -5.38
N TYR B 14 -26.25 0.28 -5.26
CA TYR B 14 -26.59 -0.83 -4.38
C TYR B 14 -25.75 -0.84 -3.11
N PHE B 15 -24.61 -0.18 -3.16
CA PHE B 15 -23.70 -0.04 -2.01
C PHE B 15 -24.40 0.91 -1.01
N ASN B 16 -24.62 2.07 -1.61
CA ASN B 16 -25.23 3.24 -1.01
C ASN B 16 -26.42 2.80 -0.13
N ALA B 17 -26.99 1.74 -0.64
CA ALA B 17 -28.15 1.03 -0.13
C ALA B 17 -29.45 1.81 -0.24
N SER B 18 -30.11 2.00 0.88
CA SER B 18 -31.44 2.63 0.92
C SER B 18 -31.55 4.02 0.39
N SER B 19 -30.82 5.04 0.69
CA SER B 19 -31.00 6.43 0.12
C SER B 19 -30.51 7.38 1.21
N PRO B 20 -30.84 8.63 1.20
CA PRO B 20 -30.56 9.89 0.67
C PRO B 20 -29.68 9.90 -0.60
N ASP B 21 -29.53 11.11 -1.15
CA ASP B 21 -28.76 11.22 -2.43
C ASP B 21 -27.28 11.50 -2.23
N VAL B 22 -26.95 12.34 -1.28
CA VAL B 22 -25.50 12.62 -1.07
C VAL B 22 -25.17 12.00 0.28
N ALA B 23 -24.30 11.03 0.09
CA ALA B 23 -23.71 10.14 1.07
C ALA B 23 -23.41 10.82 2.39
N LYS B 24 -23.25 12.14 2.51
CA LYS B 24 -22.98 12.72 3.82
C LYS B 24 -22.45 14.14 3.79
N GLY B 25 -22.85 14.77 4.89
CA GLY B 25 -22.42 16.14 5.22
C GLY B 25 -20.88 15.93 5.40
N GLY B 26 -20.33 15.52 4.26
CA GLY B 26 -18.96 15.19 4.01
C GLY B 26 -17.92 16.07 3.65
N PRO B 27 -17.28 17.03 3.10
CA PRO B 27 -17.06 16.88 1.67
C PRO B 27 -16.20 15.64 1.45
N LEU B 28 -15.43 15.35 2.45
CA LEU B 28 -14.39 14.37 2.66
C LEU B 28 -13.84 13.69 1.40
N PHE B 29 -14.60 12.84 0.76
CA PHE B 29 -14.20 12.12 -0.45
C PHE B 29 -13.62 13.12 -1.46
N SER B 30 -14.38 14.18 -1.55
CA SER B 30 -14.17 15.35 -2.40
C SER B 30 -12.90 16.09 -1.93
N GLU B 31 -12.87 16.32 -0.63
CA GLU B 31 -11.69 17.05 -0.09
C GLU B 31 -10.50 16.11 -0.16
N ILE B 32 -10.76 14.81 0.00
CA ILE B 32 -9.68 13.82 -0.08
C ILE B 32 -8.93 13.91 -1.41
N LEU B 33 -9.23 13.02 -2.32
CA LEU B 33 -8.68 12.84 -3.64
C LEU B 33 -8.72 13.90 -4.72
N LYS B 34 -8.86 15.18 -4.39
CA LYS B 34 -8.94 16.26 -5.38
C LYS B 34 -7.74 16.44 -6.29
N ASN B 35 -6.69 17.08 -5.84
CA ASN B 35 -5.51 17.34 -6.66
C ASN B 35 -4.33 16.40 -6.64
N TRP B 36 -4.45 15.17 -6.23
CA TRP B 36 -3.41 14.15 -6.14
C TRP B 36 -2.40 14.03 -7.27
N LYS B 37 -2.84 13.46 -8.35
CA LYS B 37 -2.14 13.18 -9.61
C LYS B 37 -1.53 14.42 -10.25
N ASP B 38 -1.92 15.58 -9.75
CA ASP B 38 -1.52 16.88 -10.27
C ASP B 38 -0.09 16.84 -10.79
N GLU B 39 0.78 16.03 -10.19
CA GLU B 39 2.18 15.93 -10.67
C GLU B 39 2.66 14.47 -10.71
N SER B 40 2.66 14.02 -11.96
CA SER B 40 3.03 12.69 -12.42
C SER B 40 4.53 12.47 -12.30
N ASP B 41 4.81 12.20 -11.04
CA ASP B 41 6.12 11.86 -10.47
C ASP B 41 5.74 10.95 -9.27
N LYS B 42 4.45 11.00 -8.91
CA LYS B 42 4.01 10.14 -7.79
C LYS B 42 3.16 8.95 -8.24
N LYS B 43 3.80 7.84 -8.54
CA LYS B 43 3.01 6.65 -8.93
C LYS B 43 2.35 5.97 -7.74
N ILE B 44 3.12 5.75 -6.70
CA ILE B 44 2.95 5.06 -5.46
C ILE B 44 1.63 4.93 -4.73
N ILE B 45 1.03 5.92 -4.10
CA ILE B 45 -0.20 5.76 -3.30
C ILE B 45 -1.40 5.24 -4.08
N GLN B 46 -1.39 5.39 -5.39
CA GLN B 46 -2.49 4.94 -6.26
C GLN B 46 -2.81 3.49 -5.98
N SER B 47 -1.75 2.77 -5.66
CA SER B 47 -1.81 1.34 -5.34
C SER B 47 -2.57 1.11 -4.03
N GLN B 48 -2.25 1.88 -3.03
CA GLN B 48 -2.79 1.87 -1.66
C GLN B 48 -4.21 2.39 -1.48
N ILE B 49 -4.62 3.28 -2.36
CA ILE B 49 -5.97 3.87 -2.35
C ILE B 49 -6.97 2.73 -2.55
N VAL B 50 -6.59 1.88 -3.48
CA VAL B 50 -7.24 0.64 -3.92
C VAL B 50 -7.04 -0.48 -2.91
N SER B 51 -6.11 -0.25 -2.00
CA SER B 51 -5.81 -1.22 -0.92
C SER B 51 -6.92 -1.12 0.13
N PHE B 52 -7.32 0.08 0.48
CA PHE B 52 -8.41 0.16 1.49
C PHE B 52 -9.62 -0.50 0.80
N TYR B 53 -9.58 -0.25 -0.51
CA TYR B 53 -10.71 -0.78 -1.34
C TYR B 53 -10.69 -2.26 -1.10
N PHE B 54 -9.52 -2.85 -1.11
CA PHE B 54 -9.34 -4.29 -0.82
C PHE B 54 -9.70 -4.64 0.63
N LYS B 55 -9.70 -3.57 1.43
CA LYS B 55 -10.01 -3.45 2.83
C LYS B 55 -11.51 -3.05 2.97
N LEU B 56 -12.25 -3.12 1.88
CA LEU B 56 -13.69 -2.81 1.93
C LEU B 56 -14.56 -3.96 1.42
N PHE B 57 -14.22 -4.41 0.23
CA PHE B 57 -14.94 -5.50 -0.50
C PHE B 57 -14.62 -6.85 0.09
N GLU B 58 -13.43 -6.94 0.70
CA GLU B 58 -12.97 -8.13 1.42
C GLU B 58 -13.52 -7.98 2.84
N ASN B 59 -14.30 -6.93 3.05
CA ASN B 59 -14.95 -6.67 4.35
C ASN B 59 -16.48 -6.89 4.31
N LEU B 60 -17.16 -6.67 3.19
CA LEU B 60 -18.62 -6.83 3.14
C LEU B 60 -19.27 -8.14 2.73
N LYS B 61 -18.87 -8.92 1.77
CA LYS B 61 -19.45 -10.18 1.32
C LYS B 61 -20.98 -10.29 1.39
N ASP B 62 -21.69 -9.28 0.91
CA ASP B 62 -23.18 -9.30 0.93
C ASP B 62 -23.70 -10.36 -0.06
N ASN B 63 -24.13 -11.44 0.52
CA ASN B 63 -24.71 -12.65 0.00
C ASN B 63 -25.57 -12.54 -1.25
N GLN B 64 -24.95 -12.58 -2.40
CA GLN B 64 -25.59 -12.46 -3.70
C GLN B 64 -26.30 -11.14 -3.93
N VAL B 65 -26.48 -10.33 -2.89
CA VAL B 65 -27.10 -9.00 -3.21
C VAL B 65 -25.91 -8.19 -3.75
N ILE B 66 -25.00 -7.86 -2.85
CA ILE B 66 -23.77 -7.09 -3.08
C ILE B 66 -22.50 -7.88 -3.32
N GLN B 67 -22.43 -9.15 -2.98
CA GLN B 67 -21.25 -9.98 -3.17
C GLN B 67 -20.63 -9.91 -4.55
N ARG B 68 -21.36 -10.46 -5.51
CA ARG B 68 -20.97 -10.56 -6.92
C ARG B 68 -20.28 -9.28 -7.37
N SER B 69 -20.89 -8.20 -6.91
CA SER B 69 -20.48 -6.82 -7.18
C SER B 69 -18.96 -6.69 -6.87
N MET B 70 -18.82 -6.75 -5.56
CA MET B 70 -17.55 -6.60 -4.83
C MET B 70 -16.58 -7.60 -5.47
N ASP B 71 -17.19 -8.72 -5.83
CA ASP B 71 -16.40 -9.77 -6.51
C ASP B 71 -15.91 -9.11 -7.82
N ILE B 72 -16.89 -8.81 -8.63
CA ILE B 72 -16.62 -8.17 -9.93
C ILE B 72 -15.79 -6.91 -9.84
N ILE B 73 -16.15 -6.00 -8.96
CA ILE B 73 -15.44 -4.73 -8.77
C ILE B 73 -14.02 -4.95 -8.22
N LYS B 74 -13.92 -5.94 -7.35
CA LYS B 74 -12.65 -6.25 -6.71
C LYS B 74 -11.63 -6.68 -7.77
N GLN B 75 -12.15 -7.46 -8.68
CA GLN B 75 -11.29 -8.01 -9.73
C GLN B 75 -10.69 -6.97 -10.67
N ASP B 76 -11.51 -6.15 -11.26
CA ASP B 76 -11.07 -5.15 -12.23
C ASP B 76 -9.88 -4.31 -11.79
N MET B 77 -9.78 -4.00 -10.53
CA MET B 77 -8.72 -3.19 -9.94
C MET B 77 -7.29 -3.68 -10.06
N PHE B 78 -6.96 -4.95 -10.13
CA PHE B 78 -5.51 -5.28 -10.26
C PHE B 78 -5.18 -4.64 -11.65
N GLN B 79 -6.03 -4.98 -12.59
CA GLN B 79 -5.99 -4.57 -13.98
C GLN B 79 -5.81 -3.07 -14.11
N LYS B 80 -6.02 -2.31 -13.03
CA LYS B 80 -5.83 -0.87 -13.02
C LYS B 80 -4.37 -0.55 -12.65
N PHE B 81 -4.02 -0.88 -11.43
CA PHE B 81 -2.63 -0.53 -11.02
C PHE B 81 -1.65 -1.40 -11.81
N LEU B 82 -1.81 -2.71 -11.81
CA LEU B 82 -0.91 -3.64 -12.47
C LEU B 82 -1.35 -4.85 -13.25
N ASN B 83 -2.15 -4.91 -14.28
CA ASN B 83 -2.47 -6.20 -14.94
C ASN B 83 -1.24 -6.75 -15.69
N GLY B 84 -0.09 -6.13 -15.57
CA GLY B 84 1.16 -6.46 -16.20
C GLY B 84 1.64 -7.90 -16.21
N SER B 85 1.58 -8.57 -15.07
CA SER B 85 2.03 -9.98 -14.94
C SER B 85 0.99 -10.74 -14.10
N SER B 86 1.08 -12.04 -14.10
CA SER B 86 0.14 -12.92 -13.36
C SER B 86 0.41 -12.98 -11.86
N GLU B 87 1.69 -12.82 -11.57
CA GLU B 87 2.29 -12.90 -10.24
C GLU B 87 1.70 -12.04 -9.14
N LYS B 88 1.76 -10.74 -9.30
CA LYS B 88 1.27 -9.80 -8.29
C LYS B 88 -0.03 -10.25 -7.65
N LEU B 89 -0.87 -11.07 -8.27
CA LEU B 89 -2.11 -11.41 -7.54
C LEU B 89 -1.73 -12.03 -6.19
N GLU B 90 -0.80 -12.95 -6.23
CA GLU B 90 -0.31 -13.66 -5.04
C GLU B 90 0.12 -12.68 -3.96
N ASP B 91 0.96 -11.77 -4.37
CA ASP B 91 1.65 -10.66 -3.73
C ASP B 91 0.72 -9.73 -2.93
N PHE B 92 -0.58 -9.89 -3.07
CA PHE B 92 -1.61 -9.16 -2.35
C PHE B 92 -2.13 -10.01 -1.15
N LYS B 93 -2.31 -11.30 -1.42
CA LYS B 93 -2.85 -12.20 -0.37
C LYS B 93 -2.04 -11.99 0.91
N LYS B 94 -0.75 -11.81 0.70
CA LYS B 94 0.22 -11.52 1.76
C LYS B 94 -0.13 -10.17 2.39
N LEU B 95 -0.41 -9.23 1.51
CA LEU B 95 -0.78 -7.85 1.75
C LEU B 95 -2.12 -7.71 2.48
N ILE B 96 -2.51 -8.75 3.17
CA ILE B 96 -3.76 -8.85 3.93
C ILE B 96 -3.98 -7.78 5.00
N GLN B 97 -2.95 -7.35 5.69
CA GLN B 97 -2.94 -6.33 6.72
C GLN B 97 -2.50 -6.82 8.11
N ILE B 98 -2.93 -7.99 8.49
CA ILE B 98 -2.57 -8.49 9.85
C ILE B 98 -1.38 -9.41 9.84
N PRO B 99 -0.24 -8.86 10.28
CA PRO B 99 1.05 -9.57 10.39
C PRO B 99 1.31 -10.18 11.76
N VAL B 100 0.65 -11.25 12.08
CA VAL B 100 0.55 -12.07 13.27
C VAL B 100 1.76 -12.72 13.91
N ASP B 101 2.91 -12.13 14.15
CA ASP B 101 4.04 -12.87 14.80
C ASP B 101 4.36 -14.04 13.88
N ASP B 102 5.60 -14.46 13.76
CA ASP B 102 5.96 -15.54 12.80
C ASP B 102 5.65 -14.92 11.43
N LEU B 103 5.23 -13.66 11.36
CA LEU B 103 4.96 -13.01 10.08
C LEU B 103 5.47 -11.59 9.92
N GLN B 104 6.28 -11.09 10.85
CA GLN B 104 6.83 -9.72 10.78
C GLN B 104 8.30 -9.87 11.18
N ILE B 105 8.89 -10.79 10.44
CA ILE B 105 10.27 -11.21 10.50
C ILE B 105 11.25 -10.20 9.94
N GLN B 106 11.10 -8.96 10.29
CA GLN B 106 11.82 -7.76 9.88
C GLN B 106 13.33 -7.81 9.68
N ARG B 107 13.93 -8.98 9.66
CA ARG B 107 15.40 -9.14 9.47
C ARG B 107 15.89 -8.26 8.31
N LYS B 108 15.33 -8.59 7.17
CA LYS B 108 15.44 -8.08 5.83
C LYS B 108 15.16 -6.60 5.65
N ALA B 109 14.61 -5.96 6.67
CA ALA B 109 14.26 -4.54 6.49
C ALA B 109 15.37 -3.82 5.73
N ILE B 110 16.59 -4.18 5.91
CA ILE B 110 17.83 -3.69 5.37
C ILE B 110 18.15 -3.74 3.89
N ASN B 111 17.57 -4.59 3.06
CA ASN B 111 17.94 -4.63 1.63
C ASN B 111 17.35 -3.61 0.65
N GLU B 112 16.09 -3.26 0.62
CA GLU B 112 15.50 -2.29 -0.27
C GLU B 112 16.31 -1.02 -0.50
N LEU B 113 17.42 -0.82 0.19
CA LEU B 113 18.26 0.40 -0.04
C LEU B 113 18.55 0.59 -1.52
N ILE B 114 18.70 -0.47 -2.26
CA ILE B 114 18.98 -0.61 -3.68
C ILE B 114 18.19 0.25 -4.63
N LYS B 115 16.95 0.61 -4.35
CA LYS B 115 16.17 1.43 -5.29
C LYS B 115 16.94 2.73 -5.52
N VAL B 116 17.94 2.91 -4.68
CA VAL B 116 18.86 4.03 -4.58
C VAL B 116 19.37 4.63 -5.89
N MET B 117 19.80 3.68 -6.69
CA MET B 117 20.37 4.02 -8.00
C MET B 117 19.26 3.75 -9.04
N ASN B 118 19.24 2.50 -9.46
CA ASN B 118 18.31 2.00 -10.47
C ASN B 118 18.73 2.66 -11.79
N ASP B 119 19.42 3.79 -11.82
CA ASP B 119 19.76 4.36 -13.14
C ASP B 119 19.92 5.86 -13.04
#